data_4B9S
#
_entry.id   4B9S
#
_cell.length_a   88.066
_cell.length_b   93.688
_cell.length_c   105.604
_cell.angle_alpha   90.00
_cell.angle_beta   90.00
_cell.angle_gamma   90.00
#
_symmetry.space_group_name_H-M   'P 21 21 21'
#
loop_
_entity.id
_entity.type
_entity.pdbx_description
1 polymer 'DNA POLYMERASE'
2 polymer "5'-D(*AP*CP*CP*TP*GP*AP*CP*TP*CP*TP)-3'"
3 polymer "5'-D(*CP*AP*TP*FOXP*AP*GP*AP*GP*TP*CP*AP*GP*GP*TP*TP)-3'"
4 branched beta-D-fructofuranose-(2-1)-alpha-D-glucopyranose
5 non-polymer 'SULFATE ION'
6 non-polymer 'MAGNESIUM ION'
7 water water
#
loop_
_entity_poly.entity_id
_entity_poly.type
_entity_poly.pdbx_seq_one_letter_code
_entity_poly.pdbx_strand_id
1 'polypeptide(L)'
;MASWSHPQFEKGASTSLYKKAGSAAAVLEENLYFQGSFTAKMAFTLADRVTEEMLADKAALVVEVVEENYHDAPIVGIAV
VNEHGRFFLRPETALADPQFVAWLGDETKKKSMFDSKRAAVALKWKGIELCGVSFDLLLAAYLLDPAQGVDDVAAAAKMK
QYEAVRPDEAVYGKGAKRAVPDEPVLAEHLVRKAAAIWALERPFLDELRRNEQDRLLVELEQPLSSILAEMEFAGVKVDT
KRLEQMGEELAEQLRTVEQRIYELAGQEFNINSPKQLGVILFEKLQLPVLKKSKTGYSTSADVLEKLAPYHEIVENILHY
RQLGKLQSTYIEGLLKVVRPDTKKVHTIFNQALTQTGRLSSTEPNLQNIPIRLEEGRKIRQAFVPSESDWLIFAADYSQI
ELRVLAHIAEDDNLMEAFRRDLDIHTKTAMDIFQVSEDEVTPNMRRQAKAVNFGIVYGISDYGLAQNLNISRKEAAEFIE
RYFESFPGVKRYMENIVQEAKQKGYVTTLLHRRRYLPDITSRNFNVRSFAERMAMNTPIQGSAADIIKKAMIDLNARLKE
ERLQARLLLQVHDELILEAPKEEMERLCRLVPEVMEQAVTLRVPLKVDYHYGSTWYDAK
;
A
2 'polydeoxyribonucleotide' (DA)(DC)(DC)(DT)(DG)(DA)(DC)(DT)(DC)(DT) B
3 'polydeoxyribonucleotide' (DC)(DA)(DT)(FOX)(DA)(DG)(DA)(DG)(DT)(DC)(DA)(DG)(DG)(DT)(DT) C
#
loop_
_chem_comp.id
_chem_comp.type
_chem_comp.name
_chem_comp.formula
DA DNA linking 2'-DEOXYADENOSINE-5'-MONOPHOSPHATE 'C10 H14 N5 O6 P'
DC DNA linking 2'-DEOXYCYTIDINE-5'-MONOPHOSPHATE 'C9 H14 N3 O7 P'
DG DNA linking 2'-DEOXYGUANOSINE-5'-MONOPHOSPHATE 'C10 H14 N5 O7 P'
DT DNA linking THYMIDINE-5'-MONOPHOSPHATE 'C10 H15 N2 O8 P'
FOX DNA linking '((1R,2S,4R)-4-{[2-AMINO-5-(FORMYLAMINO)-6-OXO-3,6-DIHYDROPYRIMIDIN-4-YL]AMINO}-2-HYDROXYCYCLOPENTYL)METHYL 5'-PHOSPHATE' 'C11 H18 N5 O7 P'
FRU D-saccharide, beta linking beta-D-fructofuranose 'C6 H12 O6'
GLC D-saccharide, alpha linking alpha-D-glucopyranose 'C6 H12 O6'
MG non-polymer 'MAGNESIUM ION' 'Mg 2'
SO4 non-polymer 'SULFATE ION' 'O4 S -2'
#
# COMPACT_ATOMS: atom_id res chain seq x y z
N LYS A 41 28.29 15.14 -23.78
CA LYS A 41 28.55 13.69 -23.64
C LYS A 41 29.55 13.43 -22.50
N MET A 42 29.00 13.16 -21.31
CA MET A 42 29.68 13.19 -19.99
C MET A 42 30.84 12.23 -19.94
N ALA A 43 31.94 12.65 -19.34
CA ALA A 43 33.14 11.80 -19.31
C ALA A 43 32.99 10.68 -18.31
N PHE A 44 33.44 9.48 -18.70
CA PHE A 44 33.56 8.34 -17.77
C PHE A 44 34.46 7.25 -18.31
N THR A 45 34.92 6.39 -17.43
CA THR A 45 35.66 5.18 -17.85
C THR A 45 34.74 4.00 -18.06
N LEU A 46 34.73 3.46 -19.28
CA LEU A 46 34.04 2.22 -19.56
C LEU A 46 35.03 1.12 -19.21
N ALA A 47 34.93 0.56 -18.00
CA ALA A 47 36.01 -0.22 -17.40
C ALA A 47 35.83 -1.66 -17.79
N ASP A 48 36.93 -2.39 -18.00
CA ASP A 48 36.77 -3.83 -18.24
C ASP A 48 37.26 -4.68 -17.07
N ARG A 49 37.77 -4.04 -16.02
CA ARG A 49 38.04 -4.71 -14.76
C ARG A 49 37.77 -3.71 -13.65
N VAL A 50 37.42 -4.22 -12.46
CA VAL A 50 37.29 -3.40 -11.26
C VAL A 50 38.66 -2.99 -10.72
N THR A 51 38.82 -1.72 -10.34
CA THR A 51 40.06 -1.19 -9.78
C THR A 51 39.74 -0.65 -8.40
N GLU A 52 40.77 -0.44 -7.60
CA GLU A 52 40.61 -0.05 -6.22
C GLU A 52 39.96 1.35 -6.11
N GLU A 53 40.13 2.18 -7.13
CA GLU A 53 39.59 3.53 -7.02
C GLU A 53 38.07 3.53 -7.20
N MET A 54 37.54 2.46 -7.76
CA MET A 54 36.07 2.24 -7.80
C MET A 54 35.47 1.83 -6.48
N LEU A 55 36.29 1.55 -5.46
CA LEU A 55 35.85 0.97 -4.20
C LEU A 55 36.06 1.90 -3.03
N ALA A 56 35.85 3.21 -3.28
CA ALA A 56 35.96 4.27 -2.26
C ALA A 56 34.87 4.17 -1.25
N ASP A 57 35.04 4.84 -0.13
CA ASP A 57 34.10 4.63 0.93
C ASP A 57 32.82 5.49 0.88
N LYS A 58 32.72 6.29 -0.15
CA LYS A 58 31.46 7.04 -0.47
C LYS A 58 31.27 7.06 -1.98
N ALA A 59 30.12 6.64 -2.46
CA ALA A 59 29.85 6.65 -3.90
C ALA A 59 28.36 6.82 -4.18
N ALA A 60 28.05 7.34 -5.35
CA ALA A 60 26.76 7.07 -6.01
C ALA A 60 26.85 5.80 -6.78
N LEU A 61 25.88 4.90 -6.57
CA LEU A 61 25.82 3.62 -7.24
C LEU A 61 24.52 3.42 -8.00
N VAL A 62 24.63 2.91 -9.21
CA VAL A 62 23.48 2.49 -10.01
C VAL A 62 23.70 1.04 -10.34
N VAL A 63 22.72 0.22 -9.96
CA VAL A 63 22.67 -1.21 -10.33
C VAL A 63 21.38 -1.40 -11.09
N GLU A 64 21.46 -1.41 -12.42
CA GLU A 64 20.25 -1.17 -13.20
C GLU A 64 19.47 -2.39 -13.56
N VAL A 65 18.22 -2.45 -13.10
CA VAL A 65 17.29 -3.50 -13.47
C VAL A 65 16.11 -2.87 -14.20
N VAL A 66 16.00 -3.18 -15.46
CA VAL A 66 15.05 -2.50 -16.35
C VAL A 66 13.69 -3.15 -16.34
N GLU A 67 13.65 -4.46 -16.11
CA GLU A 67 12.33 -5.15 -16.03
C GLU A 67 11.53 -4.51 -14.91
N GLU A 68 10.23 -4.31 -15.11
CA GLU A 68 9.39 -3.66 -14.11
C GLU A 68 9.36 -4.49 -12.82
N ASN A 69 9.18 -5.80 -12.99
CA ASN A 69 9.25 -6.72 -11.86
C ASN A 69 10.68 -7.20 -11.71
N TYR A 70 11.33 -6.77 -10.67
CA TYR A 70 12.76 -7.02 -10.46
C TYR A 70 13.11 -8.37 -9.86
N HIS A 71 12.12 -9.19 -9.53
CA HIS A 71 12.42 -10.49 -8.96
C HIS A 71 13.07 -11.43 -9.93
N ASP A 72 14.28 -11.89 -9.58
CA ASP A 72 15.09 -12.80 -10.40
C ASP A 72 15.36 -12.19 -11.78
N ALA A 73 15.42 -10.87 -11.84
CA ALA A 73 15.59 -10.16 -13.10
C ALA A 73 17.00 -9.84 -13.41
N PRO A 74 17.26 -9.56 -14.69
CA PRO A 74 18.65 -9.23 -15.03
C PRO A 74 19.13 -7.88 -14.53
N ILE A 75 20.41 -7.78 -14.18
CA ILE A 75 21.09 -6.51 -13.99
C ILE A 75 21.82 -6.20 -15.30
N VAL A 76 21.52 -5.07 -15.91
CA VAL A 76 22.00 -4.78 -17.28
C VAL A 76 23.28 -3.95 -17.29
N GLY A 77 23.60 -3.29 -16.20
CA GLY A 77 24.78 -2.46 -16.04
C GLY A 77 24.88 -1.80 -14.71
N ILE A 78 26.08 -1.34 -14.41
CA ILE A 78 26.45 -0.80 -13.15
C ILE A 78 27.21 0.49 -13.41
N ALA A 79 26.93 1.52 -12.60
CA ALA A 79 27.72 2.76 -12.64
C ALA A 79 28.05 3.16 -11.28
N VAL A 80 29.26 3.73 -11.10
CA VAL A 80 29.80 4.22 -9.87
C VAL A 80 30.35 5.63 -10.12
N VAL A 81 29.93 6.55 -9.29
CA VAL A 81 30.52 7.88 -9.29
C VAL A 81 31.03 8.16 -7.89
N ASN A 82 32.31 8.56 -7.81
CA ASN A 82 32.89 8.84 -6.54
C ASN A 82 33.97 9.94 -6.73
N GLU A 83 34.75 10.17 -5.70
CA GLU A 83 35.73 11.26 -5.66
C GLU A 83 36.78 11.07 -6.76
N HIS A 84 37.01 9.83 -7.16
CA HIS A 84 38.04 9.52 -8.15
C HIS A 84 37.57 9.55 -9.58
N GLY A 85 36.27 9.62 -9.82
CA GLY A 85 35.77 9.58 -11.16
C GLY A 85 34.41 8.96 -11.34
N ARG A 86 34.11 8.72 -12.60
CA ARG A 86 32.89 8.08 -13.08
C ARG A 86 33.22 6.83 -13.83
N PHE A 87 32.50 5.75 -13.50
CA PHE A 87 32.83 4.42 -14.01
C PHE A 87 31.60 3.66 -14.47
N PHE A 88 31.69 2.97 -15.60
CA PHE A 88 30.69 1.99 -16.01
C PHE A 88 31.31 0.60 -15.94
N LEU A 89 30.60 -0.35 -15.32
CA LEU A 89 31.03 -1.76 -15.25
C LEU A 89 30.00 -2.67 -15.84
N ARG A 90 30.46 -3.65 -16.62
CA ARG A 90 29.53 -4.68 -17.09
C ARG A 90 29.23 -5.62 -15.92
N PRO A 91 27.97 -6.00 -15.76
CA PRO A 91 27.68 -6.75 -14.52
C PRO A 91 28.34 -8.13 -14.44
N GLU A 92 28.50 -8.76 -15.59
CA GLU A 92 29.12 -10.11 -15.61
C GLU A 92 30.55 -10.01 -15.07
N THR A 93 31.18 -8.86 -15.24
CA THR A 93 32.50 -8.57 -14.67
C THR A 93 32.44 -8.18 -13.19
N ALA A 94 31.68 -7.12 -12.90
CA ALA A 94 31.63 -6.59 -11.56
C ALA A 94 31.14 -7.65 -10.55
N LEU A 95 30.09 -8.38 -10.90
CA LEU A 95 29.44 -9.25 -9.96
C LEU A 95 30.14 -10.59 -9.72
N ALA A 96 31.13 -10.88 -10.56
CA ALA A 96 32.00 -12.02 -10.46
C ALA A 96 33.32 -11.62 -9.75
N ASP A 97 33.50 -10.33 -9.46
CA ASP A 97 34.72 -9.81 -8.83
C ASP A 97 34.61 -9.79 -7.30
N PRO A 98 35.46 -10.57 -6.60
CA PRO A 98 35.31 -10.66 -5.16
C PRO A 98 35.47 -9.34 -4.42
N GLN A 99 36.30 -8.45 -4.93
CA GLN A 99 36.53 -7.20 -4.23
C GLN A 99 35.27 -6.32 -4.44
N PHE A 100 34.71 -6.34 -5.63
CA PHE A 100 33.46 -5.52 -5.88
C PHE A 100 32.31 -6.03 -5.02
N VAL A 101 32.14 -7.36 -4.99
CA VAL A 101 31.11 -7.98 -4.13
C VAL A 101 31.29 -7.67 -2.67
N ALA A 102 32.54 -7.72 -2.15
CA ALA A 102 32.82 -7.38 -0.76
C ALA A 102 32.43 -5.91 -0.50
N TRP A 103 32.79 -5.04 -1.42
CA TRP A 103 32.48 -3.60 -1.30
C TRP A 103 30.95 -3.38 -1.26
N LEU A 104 30.25 -4.05 -2.13
CA LEU A 104 28.76 -3.98 -2.13
C LEU A 104 28.20 -4.35 -0.73
N GLY A 105 28.77 -5.39 -0.09
CA GLY A 105 28.30 -5.87 1.17
C GLY A 105 28.88 -5.29 2.46
N ASP A 106 29.78 -4.32 2.31
CA ASP A 106 30.42 -3.65 3.41
C ASP A 106 29.62 -2.42 3.85
N GLU A 107 29.02 -2.55 5.02
CA GLU A 107 28.24 -1.51 5.66
C GLU A 107 28.99 -0.19 5.78
N THR A 108 30.32 -0.23 5.88
CA THR A 108 31.07 1.00 6.12
C THR A 108 31.44 1.72 4.81
N LYS A 109 31.10 1.13 3.66
CA LYS A 109 31.31 1.74 2.35
C LYS A 109 29.93 2.29 1.96
N LYS A 110 29.81 3.62 1.92
CA LYS A 110 28.49 4.21 1.86
C LYS A 110 28.07 4.51 0.44
N LYS A 111 26.86 4.12 0.06
CA LYS A 111 26.35 4.34 -1.24
C LYS A 111 25.09 5.22 -1.22
N SER A 112 25.01 6.10 -2.21
CA SER A 112 23.77 6.84 -2.54
C SER A 112 23.19 6.24 -3.81
N MET A 113 21.87 5.98 -3.80
CA MET A 113 21.18 5.31 -4.87
C MET A 113 19.80 5.91 -5.09
N PHE A 114 19.16 5.45 -6.14
CA PHE A 114 17.72 5.69 -6.40
C PHE A 114 17.01 4.35 -6.46
N ASP A 115 16.05 4.12 -5.56
CA ASP A 115 15.27 2.86 -5.56
C ASP A 115 16.19 1.68 -5.22
N SER A 116 16.85 1.84 -4.11
CA SER A 116 17.80 0.84 -3.61
C SER A 116 17.15 -0.52 -3.39
N LYS A 117 15.84 -0.57 -3.05
CA LYS A 117 15.19 -1.92 -2.88
C LYS A 117 15.24 -2.74 -4.12
N ARG A 118 14.99 -2.12 -5.26
CA ARG A 118 15.01 -2.82 -6.54
C ARG A 118 16.40 -3.51 -6.74
N ALA A 119 17.47 -2.77 -6.57
CA ALA A 119 18.82 -3.31 -6.70
C ALA A 119 19.06 -4.39 -5.64
N ALA A 120 18.68 -4.10 -4.40
CA ALA A 120 18.93 -5.04 -3.26
C ALA A 120 18.23 -6.38 -3.52
N VAL A 121 16.99 -6.35 -3.98
CA VAL A 121 16.27 -7.59 -4.30
C VAL A 121 16.85 -8.32 -5.50
N ALA A 122 17.17 -7.58 -6.56
CA ALA A 122 17.76 -8.24 -7.73
C ALA A 122 19.10 -8.90 -7.36
N LEU A 123 19.88 -8.25 -6.51
CA LEU A 123 21.16 -8.81 -5.98
C LEU A 123 20.90 -10.00 -5.07
N LYS A 124 19.89 -9.95 -4.24
CA LYS A 124 19.56 -11.11 -3.42
C LYS A 124 19.31 -12.39 -4.23
N TRP A 125 18.62 -12.27 -5.33
CA TRP A 125 18.33 -13.42 -6.22
C TRP A 125 19.61 -13.97 -6.82
N LYS A 126 20.67 -13.20 -6.76
CA LYS A 126 21.99 -13.63 -7.29
C LYS A 126 22.92 -13.98 -6.17
N GLY A 127 22.40 -14.03 -4.94
CA GLY A 127 23.21 -14.35 -3.74
C GLY A 127 24.19 -13.33 -3.28
N ILE A 128 23.94 -12.03 -3.58
CA ILE A 128 24.84 -10.94 -3.27
C ILE A 128 24.11 -10.00 -2.33
N GLU A 129 24.77 -9.63 -1.24
CA GLU A 129 24.18 -8.71 -0.28
C GLU A 129 24.60 -7.24 -0.59
N LEU A 130 23.61 -6.33 -0.58
CA LEU A 130 23.89 -4.90 -0.70
C LEU A 130 23.70 -4.25 0.67
N CYS A 131 24.75 -3.61 1.17
CA CYS A 131 24.72 -2.93 2.43
C CYS A 131 25.26 -1.51 2.29
N GLY A 132 25.08 -0.72 3.34
CA GLY A 132 25.71 0.59 3.38
C GLY A 132 25.01 1.69 2.55
N VAL A 133 23.78 1.46 2.14
CA VAL A 133 23.05 2.51 1.37
C VAL A 133 22.58 3.57 2.37
N SER A 134 23.21 4.73 2.34
CA SER A 134 22.94 5.76 3.34
C SER A 134 21.98 6.82 2.84
N PHE A 135 21.69 6.82 1.55
CA PHE A 135 20.81 7.84 0.92
C PHE A 135 20.08 7.23 -0.29
N ASP A 136 18.77 7.29 -0.27
CA ASP A 136 17.98 6.79 -1.35
C ASP A 136 17.18 8.00 -1.89
N LEU A 137 17.54 8.42 -3.09
CA LEU A 137 16.92 9.62 -3.68
C LEU A 137 15.44 9.45 -3.97
N LEU A 138 14.99 8.23 -4.29
CA LEU A 138 13.57 7.99 -4.50
C LEU A 138 12.75 8.29 -3.25
N LEU A 139 13.22 7.77 -2.11
CA LEU A 139 12.51 7.93 -0.88
C LEU A 139 12.62 9.40 -0.43
N ALA A 140 13.77 10.03 -0.69
CA ALA A 140 13.95 11.44 -0.36
C ALA A 140 12.94 12.31 -1.13
N ALA A 141 12.83 12.10 -2.41
CA ALA A 141 11.89 12.84 -3.24
C ALA A 141 10.45 12.62 -2.83
N TYR A 142 10.13 11.37 -2.52
CA TYR A 142 8.78 10.99 -2.12
C TYR A 142 8.39 11.71 -0.83
N LEU A 143 9.27 11.73 0.16
CA LEU A 143 9.00 12.44 1.42
C LEU A 143 8.82 13.96 1.21
N LEU A 144 9.63 14.54 0.36
CA LEU A 144 9.53 15.97 0.08
C LEU A 144 8.20 16.36 -0.54
N ASP A 145 7.70 15.56 -1.45
CA ASP A 145 6.36 15.82 -2.07
C ASP A 145 5.82 14.62 -2.79
N PRO A 146 4.98 13.83 -2.11
CA PRO A 146 4.47 12.64 -2.78
C PRO A 146 3.63 12.94 -4.03
N ALA A 147 3.12 14.15 -4.13
CA ALA A 147 2.22 14.50 -5.28
C ALA A 147 2.97 14.70 -6.60
N GLN A 148 4.29 14.84 -6.53
CA GLN A 148 5.11 15.00 -7.75
C GLN A 148 5.15 13.77 -8.59
N GLY A 149 4.91 12.61 -8.02
CA GLY A 149 4.95 11.42 -8.79
C GLY A 149 6.33 11.02 -9.29
N VAL A 150 7.35 11.31 -8.51
CA VAL A 150 8.73 10.92 -8.87
C VAL A 150 8.89 9.44 -8.96
N ASP A 151 9.19 8.98 -10.16
CA ASP A 151 9.48 7.57 -10.36
C ASP A 151 10.73 7.28 -11.18
N ASP A 152 11.56 8.29 -11.42
CA ASP A 152 12.86 8.07 -12.01
C ASP A 152 13.79 9.18 -11.59
N VAL A 153 15.08 8.96 -11.82
CA VAL A 153 16.07 9.95 -11.41
C VAL A 153 15.76 11.33 -12.01
N ALA A 154 15.44 11.34 -13.29
CA ALA A 154 15.21 12.61 -14.00
C ALA A 154 14.14 13.45 -13.36
N ALA A 155 13.07 12.78 -12.88
CA ALA A 155 11.95 13.48 -12.25
C ALA A 155 12.36 14.07 -10.91
N ALA A 156 13.16 13.35 -10.11
CA ALA A 156 13.74 13.85 -8.88
C ALA A 156 14.67 15.04 -9.12
N ALA A 157 15.49 14.92 -10.16
CA ALA A 157 16.50 15.93 -10.44
C ALA A 157 15.81 17.25 -10.89
N LYS A 158 14.70 17.11 -11.61
CA LYS A 158 14.03 18.30 -12.13
C LYS A 158 13.48 19.15 -10.98
N MET A 159 13.22 18.55 -9.82
CA MET A 159 12.79 19.29 -8.63
C MET A 159 13.84 20.32 -8.16
N LYS A 160 15.12 20.13 -8.51
CA LYS A 160 16.17 21.02 -8.11
C LYS A 160 16.89 21.66 -9.34
N GLN A 161 16.16 21.83 -10.42
CA GLN A 161 16.62 22.49 -11.62
C GLN A 161 17.83 21.77 -12.24
N TYR A 162 17.89 20.43 -12.11
CA TYR A 162 18.98 19.61 -12.66
C TYR A 162 18.37 18.81 -13.78
N GLU A 163 18.91 19.03 -14.97
CA GLU A 163 18.34 18.40 -16.18
C GLU A 163 19.37 17.69 -17.07
N ALA A 164 20.54 17.33 -16.52
CA ALA A 164 21.60 16.70 -17.29
C ALA A 164 21.49 15.15 -17.15
N VAL A 165 20.26 14.66 -17.30
CA VAL A 165 19.91 13.24 -17.14
C VAL A 165 18.59 13.01 -17.88
N ARG A 166 18.48 11.94 -18.66
CA ARG A 166 17.30 11.68 -19.42
C ARG A 166 16.29 10.85 -18.58
N PRO A 167 14.99 11.02 -18.81
CA PRO A 167 14.00 10.12 -18.24
C PRO A 167 14.24 8.71 -18.71
N ASP A 168 14.06 7.73 -17.83
CA ASP A 168 14.20 6.36 -18.22
C ASP A 168 13.30 5.95 -19.41
N GLU A 169 12.08 6.48 -19.46
CA GLU A 169 11.18 6.15 -20.57
C GLU A 169 11.74 6.58 -21.93
N ALA A 170 12.50 7.67 -21.94
CA ALA A 170 13.17 8.14 -23.15
C ALA A 170 14.30 7.21 -23.61
N VAL A 171 14.97 6.54 -22.69
CA VAL A 171 16.10 5.67 -23.01
C VAL A 171 15.62 4.27 -23.40
N TYR A 172 14.69 3.73 -22.62
CA TYR A 172 14.21 2.36 -22.78
C TYR A 172 12.97 2.20 -23.64
N GLY A 173 12.29 3.29 -23.94
CA GLY A 173 11.05 3.24 -24.70
C GLY A 173 9.94 2.80 -23.79
N LYS A 174 8.76 2.55 -24.35
CA LYS A 174 7.67 1.98 -23.54
C LYS A 174 6.86 0.86 -24.20
N GLY A 175 6.30 0.01 -23.35
CA GLY A 175 5.50 -1.13 -23.77
C GLY A 175 6.24 -2.11 -24.67
N ALA A 176 5.65 -2.38 -25.83
CA ALA A 176 6.17 -3.33 -26.81
C ALA A 176 7.56 -2.94 -27.31
N LYS A 177 7.82 -1.63 -27.43
CA LYS A 177 9.07 -1.11 -28.02
C LYS A 177 10.22 -1.00 -26.98
N ARG A 178 9.94 -1.42 -25.74
CA ARG A 178 10.86 -1.28 -24.63
C ARG A 178 12.05 -2.18 -24.91
N ALA A 179 13.26 -1.64 -24.80
CA ALA A 179 14.45 -2.46 -25.03
C ALA A 179 15.64 -1.79 -24.36
N VAL A 180 16.63 -2.61 -23.99
CA VAL A 180 17.90 -2.10 -23.48
C VAL A 180 18.66 -1.57 -24.68
N PRO A 181 19.15 -0.33 -24.64
CA PRO A 181 19.87 0.11 -25.85
C PRO A 181 21.27 -0.43 -25.89
N ASP A 182 21.99 -0.10 -26.95
CA ASP A 182 23.37 -0.53 -27.12
C ASP A 182 24.26 0.04 -26.02
N GLU A 183 25.37 -0.61 -25.77
CA GLU A 183 26.19 -0.28 -24.61
C GLU A 183 26.62 1.19 -24.45
N PRO A 184 26.97 1.89 -25.55
CA PRO A 184 27.39 3.27 -25.34
C PRO A 184 26.26 4.17 -24.80
N VAL A 185 25.03 3.90 -25.27
CA VAL A 185 23.88 4.73 -24.91
C VAL A 185 23.49 4.34 -23.46
N LEU A 186 23.52 3.04 -23.20
CA LEU A 186 23.20 2.53 -21.80
C LEU A 186 24.19 3.06 -20.79
N ALA A 187 25.50 3.00 -21.10
CA ALA A 187 26.53 3.36 -20.17
C ALA A 187 26.44 4.84 -19.89
N GLU A 188 26.21 5.64 -20.91
CA GLU A 188 26.08 7.10 -20.63
C GLU A 188 24.89 7.43 -19.75
N HIS A 189 23.77 6.76 -19.98
CA HIS A 189 22.60 6.96 -19.17
C HIS A 189 22.83 6.60 -17.72
N LEU A 190 23.37 5.42 -17.45
CA LEU A 190 23.59 4.97 -16.05
C LEU A 190 24.61 5.88 -15.34
N VAL A 191 25.63 6.35 -16.09
CA VAL A 191 26.55 7.29 -15.51
C VAL A 191 25.94 8.68 -15.17
N ARG A 192 25.08 9.18 -16.10
CA ARG A 192 24.37 10.43 -15.88
C ARG A 192 23.44 10.29 -14.67
N LYS A 193 22.86 9.09 -14.50
CA LYS A 193 21.98 8.87 -13.30
C LYS A 193 22.81 8.90 -12.02
N ALA A 194 23.96 8.24 -12.01
CA ALA A 194 24.87 8.24 -10.88
C ALA A 194 25.38 9.62 -10.55
N ALA A 195 25.73 10.36 -11.62
CA ALA A 195 26.18 11.75 -11.47
C ALA A 195 25.12 12.61 -10.83
N ALA A 196 23.87 12.43 -11.21
CA ALA A 196 22.72 13.25 -10.68
C ALA A 196 22.54 12.94 -9.20
N ILE A 197 22.57 11.64 -8.88
CA ILE A 197 22.53 11.23 -7.46
C ILE A 197 23.62 11.85 -6.62
N TRP A 198 24.85 11.83 -7.13
CA TRP A 198 25.99 12.40 -6.45
C TRP A 198 25.79 13.87 -6.19
N ALA A 199 25.26 14.58 -7.22
CA ALA A 199 25.04 16.03 -7.15
C ALA A 199 23.87 16.41 -6.28
N LEU A 200 22.88 15.54 -6.20
CA LEU A 200 21.57 15.89 -5.59
C LEU A 200 21.42 15.47 -4.11
N GLU A 201 22.30 14.61 -3.63
CA GLU A 201 22.23 14.22 -2.23
C GLU A 201 22.23 15.36 -1.26
N ARG A 202 23.21 16.28 -1.34
CA ARG A 202 23.26 17.38 -0.42
C ARG A 202 22.03 18.30 -0.46
N PRO A 203 21.61 18.80 -1.62
CA PRO A 203 20.37 19.64 -1.60
C PRO A 203 19.11 18.95 -1.08
N PHE A 204 18.92 17.67 -1.42
CA PHE A 204 17.78 16.90 -0.89
C PHE A 204 17.85 16.77 0.63
N LEU A 205 19.02 16.42 1.18
CA LEU A 205 19.16 16.23 2.60
C LEU A 205 18.95 17.60 3.29
N ASP A 206 19.45 18.68 2.67
CA ASP A 206 19.26 20.01 3.27
C ASP A 206 17.76 20.36 3.36
N GLU A 207 16.98 20.11 2.32
CA GLU A 207 15.55 20.41 2.37
C GLU A 207 14.82 19.49 3.35
N LEU A 208 15.18 18.23 3.35
CA LEU A 208 14.60 17.30 4.38
C LEU A 208 14.83 17.83 5.77
N ARG A 209 16.03 18.29 6.05
CA ARG A 209 16.34 18.84 7.37
C ARG A 209 15.51 20.07 7.69
N ARG A 210 15.34 20.94 6.72
CA ARG A 210 14.49 22.14 6.93
C ARG A 210 13.05 21.75 7.19
N ASN A 211 12.60 20.69 6.55
CA ASN A 211 11.24 20.16 6.79
C ASN A 211 11.12 19.31 8.06
N GLU A 212 12.18 19.13 8.81
CA GLU A 212 12.20 18.16 9.94
C GLU A 212 11.84 16.75 9.52
N GLN A 213 12.32 16.37 8.35
CA GLN A 213 12.10 15.07 7.74
C GLN A 213 13.38 14.24 7.59
N ASP A 214 14.50 14.72 8.09
CA ASP A 214 15.76 13.98 7.94
C ASP A 214 15.77 12.64 8.69
N ARG A 215 15.21 12.60 9.89
CA ARG A 215 15.08 11.34 10.65
C ARG A 215 14.05 10.44 10.04
N LEU A 216 12.97 11.03 9.51
CA LEU A 216 12.00 10.25 8.78
C LEU A 216 12.63 9.46 7.66
N LEU A 217 13.56 10.08 6.93
CA LEU A 217 14.25 9.33 5.87
C LEU A 217 15.22 8.29 6.44
N VAL A 218 16.12 8.71 7.30
CA VAL A 218 17.28 7.90 7.69
C VAL A 218 16.92 6.82 8.71
N GLU A 219 15.94 7.11 9.58
CA GLU A 219 15.56 6.22 10.66
C GLU A 219 14.29 5.44 10.44
N LEU A 220 13.48 5.84 9.47
CA LEU A 220 12.21 5.16 9.24
C LEU A 220 12.15 4.61 7.80
N GLU A 221 12.07 5.44 6.75
CA GLU A 221 11.82 4.90 5.45
C GLU A 221 12.99 4.05 4.86
N GLN A 222 14.23 4.48 5.06
CA GLN A 222 15.38 3.70 4.57
C GLN A 222 15.49 2.32 5.28
N PRO A 223 15.40 2.29 6.61
CA PRO A 223 15.48 0.95 7.28
C PRO A 223 14.29 0.11 6.86
N LEU A 224 13.13 0.73 6.66
CA LEU A 224 11.98 -0.02 6.22
C LEU A 224 12.22 -0.64 4.85
N SER A 225 12.89 0.10 3.95
CA SER A 225 13.13 -0.41 2.64
C SER A 225 13.87 -1.74 2.71
N SER A 226 14.85 -1.87 3.60
CA SER A 226 15.57 -3.15 3.77
C SER A 226 14.66 -4.28 4.26
N ILE A 227 13.73 -3.94 5.12
CA ILE A 227 12.74 -4.91 5.63
C ILE A 227 11.77 -5.37 4.58
N LEU A 228 11.30 -4.41 3.76
CA LEU A 228 10.45 -4.78 2.69
C LEU A 228 11.18 -5.65 1.68
N ALA A 229 12.46 -5.39 1.44
CA ALA A 229 13.23 -6.18 0.47
C ALA A 229 13.25 -7.65 0.95
N GLU A 230 13.47 -7.83 2.24
CA GLU A 230 13.49 -9.20 2.82
C GLU A 230 12.09 -9.89 2.73
N MET A 231 11.00 -9.13 2.96
CA MET A 231 9.65 -9.70 2.82
C MET A 231 9.36 -10.16 1.42
N GLU A 232 9.69 -9.28 0.47
CA GLU A 232 9.46 -9.57 -0.91
C GLU A 232 10.26 -10.82 -1.37
N PHE A 233 11.50 -10.84 -0.99
CA PHE A 233 12.40 -11.95 -1.38
C PHE A 233 11.95 -13.28 -0.79
N ALA A 234 11.50 -13.26 0.45
CA ALA A 234 11.01 -14.49 1.13
C ALA A 234 9.79 -15.00 0.43
N GLY A 235 8.86 -14.08 0.08
CA GLY A 235 7.66 -14.49 -0.60
C GLY A 235 6.64 -15.18 0.31
N VAL A 236 5.49 -15.53 -0.27
CA VAL A 236 4.45 -16.26 0.42
C VAL A 236 4.14 -17.51 -0.35
N LYS A 237 4.12 -18.66 0.37
CA LYS A 237 3.87 -19.94 -0.28
C LYS A 237 2.41 -20.10 -0.63
N VAL A 238 2.11 -20.66 -1.81
CA VAL A 238 0.74 -20.83 -2.29
C VAL A 238 0.47 -22.29 -2.53
N ASP A 239 -0.69 -22.77 -2.06
CA ASP A 239 -1.14 -24.17 -2.28
C ASP A 239 -1.88 -24.17 -3.61
N THR A 240 -1.12 -24.29 -4.68
CA THR A 240 -1.70 -24.12 -5.99
C THR A 240 -2.70 -25.21 -6.30
N LYS A 241 -2.52 -26.40 -5.74
CA LYS A 241 -3.49 -27.48 -5.97
C LYS A 241 -4.87 -27.10 -5.41
N ARG A 242 -4.88 -26.53 -4.23
CA ARG A 242 -6.13 -26.08 -3.59
C ARG A 242 -6.75 -24.98 -4.45
N LEU A 243 -5.95 -24.03 -4.93
CA LEU A 243 -6.48 -22.98 -5.84
C LEU A 243 -7.07 -23.54 -7.13
N GLU A 244 -6.38 -24.49 -7.73
CA GLU A 244 -6.89 -25.13 -8.92
C GLU A 244 -8.22 -25.84 -8.69
N GLN A 245 -8.40 -26.50 -7.55
CA GLN A 245 -9.64 -27.21 -7.34
C GLN A 245 -10.76 -26.19 -7.05
N MET A 246 -10.45 -25.14 -6.31
CA MET A 246 -11.41 -24.05 -6.20
C MET A 246 -11.79 -23.51 -7.58
N GLY A 247 -10.84 -23.25 -8.46
CA GLY A 247 -11.12 -22.82 -9.82
C GLY A 247 -12.04 -23.75 -10.59
N GLU A 248 -11.87 -25.05 -10.36
CA GLU A 248 -12.75 -26.03 -11.00
C GLU A 248 -14.19 -25.90 -10.54
N GLU A 249 -14.38 -25.81 -9.23
CA GLU A 249 -15.72 -25.69 -8.64
C GLU A 249 -16.37 -24.41 -9.10
N LEU A 250 -15.64 -23.29 -9.00
CA LEU A 250 -16.12 -21.99 -9.50
C LEU A 250 -16.56 -22.04 -10.95
N ALA A 251 -15.74 -22.65 -11.83
CA ALA A 251 -16.03 -22.72 -13.25
C ALA A 251 -17.39 -23.39 -13.50
N GLU A 252 -17.71 -24.39 -12.70
CA GLU A 252 -18.97 -25.14 -12.80
C GLU A 252 -20.15 -24.29 -12.32
N GLN A 253 -19.98 -23.62 -11.18
CA GLN A 253 -20.98 -22.64 -10.71
C GLN A 253 -21.17 -21.46 -11.67
N LEU A 254 -20.10 -20.98 -12.32
CA LEU A 254 -20.26 -19.88 -13.28
C LEU A 254 -21.07 -20.35 -14.48
N ARG A 255 -20.86 -21.60 -14.92
CA ARG A 255 -21.54 -22.10 -16.11
C ARG A 255 -23.03 -22.21 -15.78
N THR A 256 -23.37 -22.65 -14.57
CA THR A 256 -24.78 -22.80 -14.15
C THR A 256 -25.50 -21.45 -14.14
N VAL A 257 -24.90 -20.49 -13.44
CA VAL A 257 -25.44 -19.13 -13.36
C VAL A 257 -25.50 -18.41 -14.72
N GLU A 258 -24.46 -18.54 -15.56
CA GLU A 258 -24.42 -17.91 -16.85
C GLU A 258 -25.60 -18.40 -17.71
N GLN A 259 -25.89 -19.70 -17.61
CA GLN A 259 -26.96 -20.28 -18.42
C GLN A 259 -28.31 -19.78 -17.94
N ARG A 260 -28.47 -19.63 -16.63
CA ARG A 260 -29.67 -19.09 -16.01
C ARG A 260 -29.93 -17.66 -16.47
N ILE A 261 -28.87 -16.87 -16.52
CA ILE A 261 -28.94 -15.51 -16.98
C ILE A 261 -29.44 -15.44 -18.42
N TYR A 262 -28.94 -16.31 -19.29
CA TYR A 262 -29.37 -16.26 -20.71
C TYR A 262 -30.82 -16.71 -20.86
N GLU A 263 -31.21 -17.72 -20.10
CA GLU A 263 -32.62 -18.13 -20.16
C GLU A 263 -33.56 -17.02 -19.61
N LEU A 264 -33.15 -16.33 -18.53
CA LEU A 264 -33.92 -15.19 -18.02
C LEU A 264 -33.89 -13.93 -18.93
N ALA A 265 -32.78 -13.69 -19.64
CA ALA A 265 -32.74 -12.64 -20.66
C ALA A 265 -33.46 -13.03 -21.95
N GLY A 266 -33.66 -14.33 -22.18
CA GLY A 266 -34.17 -14.83 -23.46
C GLY A 266 -33.19 -14.74 -24.62
N GLN A 267 -31.89 -14.66 -24.32
CA GLN A 267 -30.84 -14.63 -25.34
C GLN A 267 -29.45 -14.63 -24.69
N GLU A 268 -28.43 -14.94 -25.49
CA GLU A 268 -27.05 -14.86 -25.04
C GLU A 268 -26.49 -13.47 -25.29
N PHE A 269 -25.65 -13.02 -24.37
CA PHE A 269 -24.99 -11.76 -24.54
C PHE A 269 -23.74 -11.78 -23.66
N ASN A 270 -22.91 -10.78 -23.80
CA ASN A 270 -21.71 -10.72 -22.95
C ASN A 270 -22.06 -10.09 -21.62
N ILE A 271 -22.16 -10.92 -20.58
CA ILE A 271 -22.51 -10.40 -19.25
C ILE A 271 -21.49 -9.40 -18.70
N ASN A 272 -20.23 -9.55 -19.12
CA ASN A 272 -19.13 -8.73 -18.68
C ASN A 272 -18.95 -7.43 -19.45
N SER A 273 -19.85 -7.17 -20.38
CA SER A 273 -19.87 -5.95 -21.17
C SER A 273 -20.95 -5.03 -20.61
N PRO A 274 -20.56 -3.95 -19.91
CA PRO A 274 -21.61 -3.13 -19.28
C PRO A 274 -22.50 -2.47 -20.31
N LYS A 275 -22.01 -2.31 -21.53
CA LYS A 275 -22.84 -1.88 -22.63
C LYS A 275 -23.91 -2.92 -23.06
N GLN A 276 -23.51 -4.16 -23.29
CA GLN A 276 -24.45 -5.19 -23.68
C GLN A 276 -25.42 -5.52 -22.53
N LEU A 277 -24.93 -5.50 -21.29
CA LEU A 277 -25.76 -5.82 -20.13
C LEU A 277 -26.79 -4.67 -19.94
N GLY A 278 -26.34 -3.45 -20.12
CA GLY A 278 -27.24 -2.28 -20.00
C GLY A 278 -28.39 -2.33 -21.01
N VAL A 279 -28.11 -2.77 -22.24
CA VAL A 279 -29.20 -3.00 -23.20
C VAL A 279 -30.20 -4.06 -22.70
N ILE A 280 -29.69 -5.16 -22.17
CA ILE A 280 -30.60 -6.22 -21.71
C ILE A 280 -31.43 -5.66 -20.55
N LEU A 281 -30.77 -5.00 -19.60
CA LEU A 281 -31.46 -4.58 -18.36
C LEU A 281 -32.43 -3.41 -18.59
N PHE A 282 -31.95 -2.41 -19.33
CA PHE A 282 -32.65 -1.13 -19.38
C PHE A 282 -33.47 -0.92 -20.63
N GLU A 283 -33.26 -1.74 -21.65
CA GLU A 283 -34.04 -1.65 -22.88
C GLU A 283 -34.91 -2.88 -23.01
N LYS A 284 -34.33 -4.07 -23.06
CA LYS A 284 -35.09 -5.26 -23.27
C LYS A 284 -36.02 -5.58 -22.07
N LEU A 285 -35.50 -5.50 -20.85
CA LEU A 285 -36.32 -5.84 -19.66
C LEU A 285 -36.93 -4.61 -19.01
N GLN A 286 -36.60 -3.43 -19.51
CA GLN A 286 -37.24 -2.19 -19.09
C GLN A 286 -37.12 -1.89 -17.61
N LEU A 287 -36.00 -2.25 -17.01
CA LEU A 287 -35.82 -1.90 -15.62
C LEU A 287 -35.61 -0.41 -15.46
N PRO A 288 -36.04 0.18 -14.34
CA PRO A 288 -35.83 1.62 -14.11
C PRO A 288 -34.37 2.01 -14.22
N VAL A 289 -34.09 3.14 -14.87
CA VAL A 289 -32.73 3.70 -14.87
C VAL A 289 -32.60 4.64 -13.70
N LEU A 290 -31.92 4.18 -12.66
CA LEU A 290 -31.79 4.95 -11.42
C LEU A 290 -30.51 5.77 -11.41
N LYS A 291 -29.60 5.47 -12.33
CA LYS A 291 -28.30 6.12 -12.32
C LYS A 291 -27.55 5.87 -13.62
N LYS A 292 -26.81 6.90 -14.00
CA LYS A 292 -26.02 6.88 -15.21
C LYS A 292 -24.54 6.98 -14.91
N SER A 293 -23.77 6.56 -15.91
CA SER A 293 -22.32 6.73 -15.95
CA SER A 293 -22.33 6.76 -15.92
C SER A 293 -22.04 7.73 -17.06
N LYS A 294 -20.85 8.33 -17.03
CA LYS A 294 -20.40 9.20 -18.11
C LYS A 294 -20.80 8.64 -19.48
N THR A 295 -20.58 7.35 -19.67
CA THR A 295 -20.69 6.70 -20.99
C THR A 295 -22.04 5.99 -21.28
N GLY A 296 -22.87 5.72 -20.27
CA GLY A 296 -24.09 4.92 -20.45
C GLY A 296 -24.91 4.70 -19.16
N TYR A 297 -25.45 3.49 -19.04
CA TYR A 297 -26.23 3.13 -17.84
C TYR A 297 -25.30 2.54 -16.75
N SER A 298 -25.47 2.95 -15.49
CA SER A 298 -24.79 2.29 -14.38
C SER A 298 -25.35 0.88 -14.14
N THR A 299 -24.44 -0.09 -13.96
CA THR A 299 -24.78 -1.44 -13.53
C THR A 299 -24.00 -1.81 -12.23
N SER A 300 -23.64 -0.79 -11.46
CA SER A 300 -22.96 -1.03 -10.18
C SER A 300 -23.80 -1.88 -9.22
N ALA A 301 -23.16 -2.62 -8.31
CA ALA A 301 -23.90 -3.53 -7.46
C ALA A 301 -24.96 -2.80 -6.64
N ASP A 302 -24.71 -1.56 -6.22
CA ASP A 302 -25.69 -0.86 -5.35
C ASP A 302 -26.96 -0.49 -6.15
N VAL A 303 -26.80 -0.14 -7.42
CA VAL A 303 -27.91 0.02 -8.34
C VAL A 303 -28.61 -1.30 -8.53
N LEU A 304 -27.88 -2.35 -8.89
CA LEU A 304 -28.50 -3.61 -9.13
C LEU A 304 -29.33 -4.13 -7.92
N GLU A 305 -28.82 -3.93 -6.71
CA GLU A 305 -29.55 -4.39 -5.51
C GLU A 305 -30.96 -3.78 -5.42
N LYS A 306 -31.06 -2.51 -5.83
CA LYS A 306 -32.36 -1.82 -5.88
C LYS A 306 -33.31 -2.36 -6.95
N LEU A 307 -32.78 -2.94 -8.03
CA LEU A 307 -33.62 -3.49 -9.11
C LEU A 307 -34.06 -4.94 -8.94
N ALA A 308 -33.43 -5.64 -7.98
CA ALA A 308 -33.71 -7.06 -7.75
C ALA A 308 -35.18 -7.36 -7.66
N PRO A 309 -35.97 -6.48 -7.01
CA PRO A 309 -37.42 -6.78 -6.90
C PRO A 309 -38.16 -6.92 -8.25
N TYR A 310 -37.63 -6.31 -9.32
CA TYR A 310 -38.33 -6.35 -10.61
C TYR A 310 -38.11 -7.54 -11.47
N HIS A 311 -36.98 -8.24 -11.31
CA HIS A 311 -36.71 -9.30 -12.20
C HIS A 311 -35.68 -10.23 -11.58
N GLU A 312 -35.85 -11.53 -11.79
CA GLU A 312 -35.00 -12.58 -11.22
C GLU A 312 -33.59 -12.52 -11.83
N ILE A 313 -33.47 -11.92 -13.03
CA ILE A 313 -32.17 -11.83 -13.69
C ILE A 313 -31.19 -11.12 -12.76
N VAL A 314 -31.62 -10.15 -11.97
CA VAL A 314 -30.72 -9.26 -11.30
C VAL A 314 -29.87 -10.01 -10.23
N GLU A 315 -30.52 -10.86 -9.43
CA GLU A 315 -29.79 -11.57 -8.37
C GLU A 315 -28.72 -12.48 -9.02
N ASN A 316 -29.06 -13.01 -10.18
CA ASN A 316 -28.17 -13.92 -10.91
C ASN A 316 -26.98 -13.20 -11.49
N ILE A 317 -27.18 -11.99 -12.00
CA ILE A 317 -26.04 -11.12 -12.43
C ILE A 317 -25.09 -10.75 -11.29
N LEU A 318 -25.65 -10.43 -10.13
CA LEU A 318 -24.86 -10.10 -8.97
C LEU A 318 -24.03 -11.33 -8.51
N HIS A 319 -24.64 -12.50 -8.56
CA HIS A 319 -23.94 -13.74 -8.18
C HIS A 319 -22.85 -14.09 -9.20
N TYR A 320 -23.16 -13.97 -10.49
CA TYR A 320 -22.16 -14.11 -11.56
C TYR A 320 -20.95 -13.21 -11.39
N ARG A 321 -21.17 -11.94 -11.12
CA ARG A 321 -20.06 -11.06 -10.86
C ARG A 321 -19.22 -11.39 -9.65
N GLN A 322 -19.87 -11.88 -8.60
CA GLN A 322 -19.15 -12.25 -7.37
C GLN A 322 -18.23 -13.42 -7.72
N LEU A 323 -18.78 -14.43 -8.36
CA LEU A 323 -18.00 -15.64 -8.75
C LEU A 323 -16.92 -15.30 -9.77
N GLY A 324 -17.24 -14.49 -10.76
CA GLY A 324 -16.31 -14.17 -11.80
C GLY A 324 -15.12 -13.36 -11.33
N LYS A 325 -15.34 -12.47 -10.37
CA LYS A 325 -14.25 -11.72 -9.80
C LYS A 325 -13.27 -12.68 -9.13
N LEU A 326 -13.80 -13.62 -8.37
CA LEU A 326 -12.94 -14.57 -7.68
C LEU A 326 -12.16 -15.37 -8.71
N GLN A 327 -12.84 -15.81 -9.77
CA GLN A 327 -12.19 -16.62 -10.80
C GLN A 327 -11.12 -15.89 -11.58
N SER A 328 -11.44 -14.71 -12.13
CA SER A 328 -10.54 -14.03 -13.01
C SER A 328 -9.36 -13.43 -12.21
N THR A 329 -9.67 -12.87 -11.05
CA THR A 329 -8.66 -12.06 -10.30
C THR A 329 -7.93 -12.90 -9.26
N TYR A 330 -8.66 -13.67 -8.45
CA TYR A 330 -8.03 -14.32 -7.31
C TYR A 330 -7.70 -15.83 -7.47
N ILE A 331 -8.12 -16.42 -8.57
CA ILE A 331 -7.71 -17.76 -8.88
C ILE A 331 -6.80 -17.71 -10.06
N GLU A 332 -7.35 -17.42 -11.25
CA GLU A 332 -6.53 -17.33 -12.45
C GLU A 332 -5.40 -16.29 -12.38
N GLY A 333 -5.73 -15.09 -11.94
CA GLY A 333 -4.76 -14.02 -11.79
C GLY A 333 -3.62 -14.35 -10.82
N LEU A 334 -3.96 -14.96 -9.71
CA LEU A 334 -2.98 -15.35 -8.72
C LEU A 334 -2.09 -16.51 -9.26
N LEU A 335 -2.73 -17.52 -9.83
CA LEU A 335 -1.97 -18.63 -10.41
C LEU A 335 -0.93 -18.18 -11.42
N LYS A 336 -1.25 -17.17 -12.20
CA LYS A 336 -0.37 -16.69 -13.22
C LYS A 336 0.90 -15.99 -12.64
N VAL A 337 0.91 -15.58 -11.39
CA VAL A 337 2.10 -14.90 -10.80
C VAL A 337 2.80 -15.77 -9.74
N VAL A 338 2.34 -17.01 -9.53
CA VAL A 338 3.06 -17.95 -8.65
C VAL A 338 4.30 -18.46 -9.42
N ARG A 339 5.46 -18.44 -8.75
CA ARG A 339 6.67 -18.95 -9.42
C ARG A 339 6.60 -20.45 -9.36
N PRO A 340 6.73 -21.15 -10.49
CA PRO A 340 6.50 -22.59 -10.43
C PRO A 340 7.59 -23.42 -9.78
N ASP A 341 8.75 -22.86 -9.64
CA ASP A 341 9.84 -23.62 -9.09
C ASP A 341 9.75 -23.73 -7.59
N THR A 342 9.13 -22.75 -6.96
CA THR A 342 9.02 -22.74 -5.49
C THR A 342 7.61 -22.52 -4.95
N LYS A 343 6.68 -22.33 -5.85
CA LYS A 343 5.29 -22.16 -5.50
C LYS A 343 5.09 -21.00 -4.56
N LYS A 344 5.84 -19.93 -4.75
CA LYS A 344 5.63 -18.73 -3.96
C LYS A 344 5.24 -17.56 -4.86
N VAL A 345 4.53 -16.62 -4.25
CA VAL A 345 4.32 -15.32 -4.88
C VAL A 345 5.26 -14.34 -4.21
N HIS A 346 5.85 -13.48 -5.00
CA HIS A 346 6.79 -12.48 -4.51
C HIS A 346 6.26 -11.10 -4.94
N THR A 347 5.49 -10.49 -4.06
CA THR A 347 4.94 -9.14 -4.32
C THR A 347 6.03 -8.12 -4.42
N ILE A 348 5.72 -6.95 -4.99
CA ILE A 348 6.58 -5.79 -4.85
C ILE A 348 5.77 -4.73 -4.08
N PHE A 349 6.30 -4.23 -2.96
CA PHE A 349 5.71 -3.15 -2.17
C PHE A 349 6.23 -1.85 -2.75
N ASN A 350 5.34 -1.05 -3.31
CA ASN A 350 5.72 0.33 -3.69
C ASN A 350 5.68 1.22 -2.50
N GLN A 351 6.86 1.61 -2.01
CA GLN A 351 7.01 2.44 -0.85
C GLN A 351 6.93 3.98 -1.14
N ALA A 352 6.90 4.35 -2.42
CA ALA A 352 7.05 5.74 -2.80
C ALA A 352 5.99 6.17 -3.77
N LEU A 353 4.76 5.75 -3.48
CA LEU A 353 3.63 6.02 -4.37
C LEU A 353 2.48 6.77 -3.70
N THR A 354 1.99 6.27 -2.60
CA THR A 354 0.71 6.80 -2.14
C THR A 354 0.86 8.14 -1.50
N GLN A 355 -0.25 8.87 -1.53
CA GLN A 355 -0.26 10.21 -1.00
C GLN A 355 -0.33 10.33 0.51
N THR A 356 -0.61 9.25 1.25
CA THR A 356 -0.80 9.27 2.68
C THR A 356 0.33 8.56 3.45
N GLY A 357 1.21 7.83 2.75
CA GLY A 357 2.34 7.13 3.42
C GLY A 357 2.06 5.68 3.55
N ARG A 358 0.90 5.21 3.04
CA ARG A 358 0.70 3.76 2.85
C ARG A 358 1.64 3.15 1.85
N LEU A 359 1.88 1.84 1.97
CA LEU A 359 2.47 1.02 0.90
C LEU A 359 1.42 0.68 -0.13
N SER A 360 1.82 0.29 -1.33
CA SER A 360 0.98 -0.45 -2.20
C SER A 360 1.71 -1.76 -2.55
N SER A 361 0.94 -2.68 -3.08
CA SER A 361 1.35 -4.06 -3.38
C SER A 361 0.93 -4.50 -4.77
N THR A 362 1.89 -5.09 -5.49
CA THR A 362 1.66 -5.46 -6.87
C THR A 362 2.25 -6.80 -7.27
N GLU A 363 1.52 -7.46 -8.16
CA GLU A 363 1.98 -8.71 -8.86
C GLU A 363 2.41 -9.85 -7.95
N PRO A 364 1.53 -10.31 -7.05
CA PRO A 364 0.10 -9.91 -6.92
C PRO A 364 -0.06 -8.82 -5.89
N ASN A 365 -1.22 -8.17 -5.91
CA ASN A 365 -1.59 -7.31 -4.81
C ASN A 365 -2.05 -8.21 -3.67
N LEU A 366 -1.28 -8.28 -2.59
CA LEU A 366 -1.67 -9.08 -1.44
C LEU A 366 -2.38 -8.25 -0.35
N GLN A 367 -2.75 -7.00 -0.65
CA GLN A 367 -3.44 -6.13 0.27
C GLN A 367 -4.93 -5.99 -0.01
N ASN A 368 -5.41 -6.76 -0.97
CA ASN A 368 -6.86 -6.79 -1.30
C ASN A 368 -7.43 -8.18 -1.51
N ILE A 369 -6.86 -9.18 -0.83
CA ILE A 369 -7.37 -10.55 -0.90
C ILE A 369 -8.70 -10.59 -0.12
N PRO A 370 -9.72 -11.26 -0.70
CA PRO A 370 -11.03 -11.22 -0.13
C PRO A 370 -11.12 -11.69 1.28
N ILE A 371 -11.97 -11.04 2.08
CA ILE A 371 -12.24 -11.44 3.43
C ILE A 371 -13.68 -11.21 3.92
N ARG A 372 -14.37 -10.22 3.34
CA ARG A 372 -15.68 -9.83 3.87
C ARG A 372 -16.73 -10.93 3.65
N LEU A 373 -16.79 -11.50 2.46
CA LEU A 373 -17.81 -12.52 2.14
C LEU A 373 -17.15 -13.88 2.29
N GLU A 374 -17.82 -14.84 2.95
CA GLU A 374 -17.18 -16.15 3.22
C GLU A 374 -16.69 -16.88 1.97
N GLU A 375 -17.43 -16.77 0.85
CA GLU A 375 -17.04 -17.48 -0.39
C GLU A 375 -15.69 -17.01 -0.91
N GLY A 376 -15.47 -15.71 -0.83
CA GLY A 376 -14.19 -15.16 -1.27
C GLY A 376 -13.08 -15.38 -0.26
N ARG A 377 -13.43 -15.30 1.03
CA ARG A 377 -12.48 -15.46 2.12
C ARG A 377 -11.76 -16.78 2.03
N LYS A 378 -12.41 -17.81 1.46
CA LYS A 378 -11.78 -19.12 1.32
C LYS A 378 -10.52 -19.09 0.46
N ILE A 379 -10.39 -18.09 -0.42
CA ILE A 379 -9.12 -17.89 -1.22
C ILE A 379 -7.94 -17.93 -0.29
N ARG A 380 -8.11 -17.42 0.93
CA ARG A 380 -7.02 -17.34 1.90
C ARG A 380 -6.49 -18.67 2.38
N GLN A 381 -7.26 -19.73 2.17
CA GLN A 381 -6.83 -21.10 2.54
C GLN A 381 -5.66 -21.54 1.64
N ALA A 382 -5.48 -20.83 0.52
CA ALA A 382 -4.39 -21.10 -0.42
C ALA A 382 -3.03 -20.53 0.01
N PHE A 383 -2.99 -19.64 1.00
CA PHE A 383 -1.78 -18.95 1.42
C PHE A 383 -1.35 -19.69 2.71
N VAL A 384 -0.20 -20.38 2.59
CA VAL A 384 0.22 -21.35 3.60
C VAL A 384 1.64 -21.03 4.05
N PRO A 385 2.09 -21.62 5.17
CA PRO A 385 3.48 -21.42 5.59
C PRO A 385 4.45 -22.10 4.61
N SER A 386 5.67 -21.58 4.57
CA SER A 386 6.64 -22.01 3.55
C SER A 386 7.41 -23.25 4.01
N GLU A 387 7.22 -23.64 5.25
CA GLU A 387 8.02 -24.78 5.79
C GLU A 387 7.13 -25.67 6.60
N SER A 388 7.42 -26.99 6.66
CA SER A 388 6.53 -27.84 7.38
C SER A 388 6.60 -27.50 8.85
N ASP A 389 5.47 -27.66 9.51
CA ASP A 389 5.36 -27.48 10.95
C ASP A 389 5.42 -26.00 11.31
N TRP A 390 5.17 -25.14 10.31
CA TRP A 390 5.15 -23.68 10.57
C TRP A 390 3.73 -23.27 10.48
N LEU A 391 3.42 -22.08 11.00
CA LEU A 391 2.07 -21.53 10.99
C LEU A 391 2.10 -20.06 10.58
N ILE A 392 0.93 -19.56 10.18
CA ILE A 392 0.71 -18.15 9.86
C ILE A 392 0.16 -17.45 11.11
N PHE A 393 0.71 -16.28 11.42
CA PHE A 393 0.38 -15.46 12.57
C PHE A 393 0.04 -14.05 12.00
N ALA A 394 -1.07 -13.46 12.44
CA ALA A 394 -1.53 -12.16 11.91
C ALA A 394 -1.89 -11.30 13.10
N ALA A 395 -1.40 -10.07 13.14
CA ALA A 395 -1.69 -9.19 14.23
C ALA A 395 -2.20 -7.87 13.61
N ASP A 396 -3.30 -7.33 14.16
CA ASP A 396 -3.86 -6.07 13.59
C ASP A 396 -4.18 -5.08 14.67
N TYR A 397 -3.97 -3.80 14.38
CA TYR A 397 -4.39 -2.72 15.27
C TYR A 397 -5.93 -2.65 15.25
N SER A 398 -6.49 -2.47 16.44
CA SER A 398 -7.90 -2.21 16.60
C SER A 398 -8.13 -0.70 16.57
N GLN A 399 -8.83 -0.26 15.54
CA GLN A 399 -9.23 1.16 15.37
C GLN A 399 -8.07 2.13 15.51
N ILE A 400 -6.95 1.88 14.82
CA ILE A 400 -5.80 2.74 14.95
C ILE A 400 -6.15 4.16 14.48
N GLU A 401 -6.93 4.26 13.43
CA GLU A 401 -7.21 5.60 12.87
C GLU A 401 -8.03 6.48 13.82
N LEU A 402 -9.09 5.93 14.41
CA LEU A 402 -9.88 6.71 15.41
C LEU A 402 -9.11 6.95 16.64
N ARG A 403 -8.22 6.03 17.04
CA ARG A 403 -7.35 6.33 18.16
C ARG A 403 -6.36 7.47 17.94
N VAL A 404 -5.75 7.46 16.77
CA VAL A 404 -4.90 8.60 16.32
C VAL A 404 -5.70 9.91 16.30
N LEU A 405 -6.92 9.87 15.82
CA LEU A 405 -7.82 11.07 15.88
C LEU A 405 -8.08 11.55 17.29
N ALA A 406 -8.32 10.61 18.24
CA ALA A 406 -8.50 10.98 19.62
C ALA A 406 -7.33 11.71 20.16
N HIS A 407 -6.14 11.20 19.81
CA HIS A 407 -4.90 11.76 20.26
C HIS A 407 -4.69 13.16 19.66
N ILE A 408 -4.81 13.28 18.36
CA ILE A 408 -4.47 14.58 17.71
CA ILE A 408 -4.52 14.57 17.66
C ILE A 408 -5.52 15.67 18.04
N ALA A 409 -6.81 15.30 18.12
CA ALA A 409 -7.88 16.26 18.44
C ALA A 409 -7.97 16.51 19.92
N GLU A 410 -7.42 15.61 20.75
CA GLU A 410 -7.64 15.69 22.20
C GLU A 410 -9.09 15.84 22.55
N ASP A 411 -9.94 15.07 21.87
CA ASP A 411 -11.35 15.07 22.18
C ASP A 411 -11.63 14.25 23.47
N ASP A 412 -12.19 14.89 24.49
CA ASP A 412 -12.36 14.24 25.82
C ASP A 412 -13.21 12.98 25.75
N ASN A 413 -14.27 13.05 24.97
CA ASN A 413 -15.24 11.94 24.81
C ASN A 413 -14.62 10.78 24.04
N LEU A 414 -13.91 11.09 22.97
CA LEU A 414 -13.35 10.03 22.20
C LEU A 414 -12.19 9.39 22.95
N MET A 415 -11.37 10.19 23.65
CA MET A 415 -10.22 9.69 24.42
C MET A 415 -10.74 8.79 25.56
N GLU A 416 -11.81 9.24 26.22
CA GLU A 416 -12.44 8.39 27.29
C GLU A 416 -12.95 7.05 26.72
N ALA A 417 -13.60 7.06 25.57
CA ALA A 417 -14.08 5.84 24.94
C ALA A 417 -12.94 4.83 24.73
N PHE A 418 -11.80 5.30 24.23
CA PHE A 418 -10.72 4.34 23.95
C PHE A 418 -10.01 4.00 25.26
N ARG A 419 -9.96 4.90 26.25
CA ARG A 419 -9.39 4.52 27.53
C ARG A 419 -10.19 3.41 28.20
N ARG A 420 -11.49 3.32 27.92
CA ARG A 420 -12.36 2.26 28.40
C ARG A 420 -12.38 1.05 27.50
N ASP A 421 -11.65 1.13 26.40
CA ASP A 421 -11.70 0.11 25.32
C ASP A 421 -13.14 -0.26 24.91
N LEU A 422 -14.01 0.75 24.82
CA LEU A 422 -15.36 0.57 24.33
C LEU A 422 -15.41 0.08 22.88
N ASP A 423 -16.53 -0.59 22.52
CA ASP A 423 -16.89 -0.80 21.14
C ASP A 423 -17.22 0.60 20.56
N ILE A 424 -16.36 1.09 19.64
CA ILE A 424 -16.51 2.48 19.24
C ILE A 424 -17.74 2.74 18.43
N HIS A 425 -18.23 1.77 17.71
CA HIS A 425 -19.40 2.01 16.88
C HIS A 425 -20.66 2.05 17.77
N THR A 426 -20.74 1.18 18.77
CA THR A 426 -21.87 1.19 19.69
C THR A 426 -21.86 2.49 20.48
N LYS A 427 -20.69 2.92 20.92
CA LYS A 427 -20.60 4.13 21.68
C LYS A 427 -20.98 5.39 20.81
N THR A 428 -20.50 5.43 19.57
CA THR A 428 -20.87 6.48 18.62
C THR A 428 -22.41 6.52 18.40
N ALA A 429 -23.02 5.33 18.29
CA ALA A 429 -24.48 5.25 18.18
C ALA A 429 -25.14 5.85 19.45
N MET A 430 -24.68 5.44 20.63
CA MET A 430 -25.30 5.96 21.88
C MET A 430 -25.27 7.46 21.89
N ASP A 431 -24.18 8.03 21.38
CA ASP A 431 -24.01 9.48 21.47
C ASP A 431 -24.83 10.23 20.41
N ILE A 432 -24.75 9.82 19.15
CA ILE A 432 -25.45 10.53 18.08
CA ILE A 432 -25.46 10.45 18.03
C ILE A 432 -26.97 10.37 18.22
N PHE A 433 -27.42 9.21 18.70
CA PHE A 433 -28.88 8.97 18.80
C PHE A 433 -29.40 9.24 20.21
N GLN A 434 -28.50 9.57 21.15
CA GLN A 434 -28.81 9.83 22.54
C GLN A 434 -29.63 8.74 23.19
N VAL A 435 -29.12 7.53 23.15
CA VAL A 435 -29.80 6.41 23.77
C VAL A 435 -28.81 5.63 24.63
N SER A 436 -29.33 4.79 25.53
CA SER A 436 -28.49 3.93 26.35
C SER A 436 -28.00 2.76 25.51
N GLU A 437 -27.01 2.03 26.04
CA GLU A 437 -26.39 0.97 25.28
C GLU A 437 -27.41 -0.10 24.92
N ASP A 438 -28.32 -0.42 25.83
CA ASP A 438 -29.27 -1.49 25.51
C ASP A 438 -30.42 -1.03 24.56
N GLU A 439 -30.47 0.25 24.23
CA GLU A 439 -31.40 0.77 23.24
C GLU A 439 -30.75 0.88 21.85
N VAL A 440 -29.44 0.62 21.73
CA VAL A 440 -28.82 0.63 20.38
C VAL A 440 -29.25 -0.57 19.57
N THR A 441 -29.96 -0.32 18.49
CA THR A 441 -30.37 -1.39 17.61
C THR A 441 -29.28 -1.74 16.59
N PRO A 442 -29.36 -2.88 15.94
CA PRO A 442 -28.37 -3.18 14.88
C PRO A 442 -28.24 -2.12 13.81
N ASN A 443 -29.36 -1.56 13.36
CA ASN A 443 -29.30 -0.55 12.33
C ASN A 443 -28.65 0.74 12.82
N MET A 444 -28.89 1.11 14.07
CA MET A 444 -28.26 2.27 14.62
C MET A 444 -26.75 2.07 14.65
N ARG A 445 -26.31 0.90 15.09
CA ARG A 445 -24.85 0.61 15.12
C ARG A 445 -24.26 0.67 13.73
N ARG A 446 -24.93 0.07 12.75
CA ARG A 446 -24.50 0.10 11.34
C ARG A 446 -24.32 1.51 10.86
N GLN A 447 -25.28 2.41 11.13
CA GLN A 447 -25.19 3.77 10.64
C GLN A 447 -24.07 4.51 11.34
N ALA A 448 -23.92 4.30 12.65
CA ALA A 448 -22.81 4.91 13.37
C ALA A 448 -21.45 4.43 12.83
N LYS A 449 -21.33 3.14 12.56
CA LYS A 449 -20.11 2.59 11.95
C LYS A 449 -19.84 3.28 10.64
N ALA A 450 -20.90 3.57 9.87
CA ALA A 450 -20.72 4.21 8.57
C ALA A 450 -20.20 5.64 8.74
N VAL A 451 -20.66 6.34 9.78
CA VAL A 451 -20.19 7.69 10.09
C VAL A 451 -18.71 7.59 10.46
N ASN A 452 -18.36 6.57 11.25
CA ASN A 452 -16.94 6.37 11.62
C ASN A 452 -16.07 5.99 10.41
N PHE A 453 -16.55 5.14 9.50
CA PHE A 453 -15.86 4.86 8.25
C PHE A 453 -15.60 6.17 7.47
N GLY A 454 -16.63 7.00 7.40
CA GLY A 454 -16.50 8.30 6.79
C GLY A 454 -15.42 9.18 7.36
N ILE A 455 -15.33 9.20 8.68
CA ILE A 455 -14.31 10.00 9.36
C ILE A 455 -12.95 9.40 9.08
N VAL A 456 -12.82 8.07 9.11
CA VAL A 456 -11.50 7.41 8.88
C VAL A 456 -10.98 7.68 7.46
N TYR A 457 -11.87 7.75 6.47
CA TYR A 457 -11.44 7.92 5.06
C TYR A 457 -11.64 9.35 4.51
N GLY A 458 -12.27 10.21 5.32
CA GLY A 458 -12.49 11.63 4.96
C GLY A 458 -13.43 11.78 3.79
N ILE A 459 -14.51 11.00 3.76
CA ILE A 459 -15.46 11.08 2.61
C ILE A 459 -16.42 12.23 2.86
N SER A 460 -17.11 12.69 1.78
CA SER A 460 -18.04 13.82 1.89
C SER A 460 -19.39 13.38 2.39
N ASP A 461 -20.23 14.38 2.70
CA ASP A 461 -21.66 14.13 3.01
C ASP A 461 -22.35 13.36 1.85
N TYR A 462 -21.97 13.66 0.61
CA TYR A 462 -22.48 12.94 -0.57
C TYR A 462 -22.01 11.49 -0.51
N GLY A 463 -20.75 11.30 -0.14
CA GLY A 463 -20.21 9.93 -0.02
C GLY A 463 -20.88 9.10 1.08
N LEU A 464 -21.16 9.75 2.21
CA LEU A 464 -21.81 9.10 3.34
C LEU A 464 -23.28 8.81 2.97
N ALA A 465 -23.95 9.80 2.37
CA ALA A 465 -25.32 9.59 1.79
C ALA A 465 -25.41 8.37 0.90
N GLN A 466 -24.46 8.22 -0.02
CA GLN A 466 -24.41 7.09 -0.91
C GLN A 466 -24.17 5.78 -0.13
N ASN A 467 -23.24 5.80 0.83
CA ASN A 467 -22.98 4.61 1.61
C ASN A 467 -24.19 4.16 2.45
N LEU A 468 -25.01 5.10 2.87
CA LEU A 468 -26.12 4.81 3.76
C LEU A 468 -27.47 4.81 3.02
N ASN A 469 -27.45 5.13 1.73
CA ASN A 469 -28.69 5.20 0.94
C ASN A 469 -29.72 6.15 1.57
N ILE A 470 -29.26 7.36 1.87
CA ILE A 470 -30.04 8.38 2.49
C ILE A 470 -29.75 9.63 1.69
N SER A 471 -30.51 10.68 1.98
CA SER A 471 -30.30 11.95 1.31
C SER A 471 -29.00 12.63 1.80
N ARG A 472 -28.44 13.48 0.94
CA ARG A 472 -27.32 14.35 1.33
C ARG A 472 -27.71 15.13 2.56
N LYS A 473 -28.94 15.62 2.62
CA LYS A 473 -29.38 16.40 3.78
C LYS A 473 -29.32 15.59 5.05
N GLU A 474 -29.76 14.33 4.97
CA GLU A 474 -29.78 13.51 6.17
C GLU A 474 -28.35 13.14 6.59
N ALA A 475 -27.47 12.95 5.63
CA ALA A 475 -26.08 12.61 5.95
C ALA A 475 -25.43 13.81 6.68
N ALA A 476 -25.70 15.02 6.20
CA ALA A 476 -25.19 16.24 6.86
C ALA A 476 -25.72 16.36 8.29
N GLU A 477 -26.95 15.91 8.53
CA GLU A 477 -27.51 15.87 9.89
C GLU A 477 -26.76 14.87 10.78
N PHE A 478 -26.45 13.72 10.23
CA PHE A 478 -25.62 12.76 10.98
C PHE A 478 -24.28 13.39 11.40
N ILE A 479 -23.65 14.06 10.46
CA ILE A 479 -22.32 14.64 10.67
C ILE A 479 -22.41 15.72 11.72
N GLU A 480 -23.47 16.51 11.68
CA GLU A 480 -23.67 17.56 12.67
C GLU A 480 -23.85 16.98 14.07
N ARG A 481 -24.55 15.87 14.14
CA ARG A 481 -24.81 15.25 15.45
C ARG A 481 -23.49 14.64 16.02
N TYR A 482 -22.69 14.11 15.11
CA TYR A 482 -21.36 13.60 15.49
C TYR A 482 -20.56 14.75 16.12
N PHE A 483 -20.51 15.91 15.47
CA PHE A 483 -19.70 17.02 16.03
C PHE A 483 -20.25 17.54 17.35
N GLU A 484 -21.55 17.42 17.60
CA GLU A 484 -22.04 17.83 18.91
C GLU A 484 -21.53 16.89 20.02
N SER A 485 -21.39 15.60 19.72
CA SER A 485 -20.96 14.62 20.70
C SER A 485 -19.45 14.58 20.83
N PHE A 486 -18.76 14.94 19.72
CA PHE A 486 -17.28 14.98 19.70
C PHE A 486 -16.79 16.38 19.32
N PRO A 487 -16.97 17.38 20.23
CA PRO A 487 -16.66 18.74 19.82
C PRO A 487 -15.18 19.00 19.62
N GLY A 488 -14.30 18.21 20.28
CA GLY A 488 -12.89 18.29 20.03
C GLY A 488 -12.50 17.93 18.61
N VAL A 489 -13.19 16.94 18.06
CA VAL A 489 -13.01 16.52 16.69
C VAL A 489 -13.42 17.67 15.75
N LYS A 490 -14.48 18.38 16.11
CA LYS A 490 -14.92 19.48 15.27
C LYS A 490 -13.90 20.60 15.27
N ARG A 491 -13.42 20.96 16.45
CA ARG A 491 -12.41 21.97 16.63
C ARG A 491 -11.12 21.62 15.85
N TYR A 492 -10.73 20.35 15.93
CA TYR A 492 -9.60 19.86 15.16
C TYR A 492 -9.82 20.07 13.67
N MET A 493 -10.96 19.67 13.15
CA MET A 493 -11.20 19.82 11.75
C MET A 493 -11.16 21.30 11.34
N GLU A 494 -11.76 22.19 12.11
CA GLU A 494 -11.63 23.60 11.82
C GLU A 494 -10.19 24.09 11.84
N ASN A 495 -9.48 23.76 12.90
CA ASN A 495 -8.11 24.19 13.14
C ASN A 495 -7.13 23.65 12.07
N ILE A 496 -7.31 22.42 11.61
CA ILE A 496 -6.38 21.84 10.64
C ILE A 496 -6.59 22.44 9.25
N VAL A 497 -7.86 22.76 8.92
CA VAL A 497 -8.17 23.35 7.63
C VAL A 497 -7.52 24.76 7.61
N GLN A 498 -7.60 25.53 8.69
CA GLN A 498 -6.94 26.84 8.78
C GLN A 498 -5.40 26.70 8.69
N GLU A 499 -4.85 25.74 9.40
CA GLU A 499 -3.42 25.45 9.29
C GLU A 499 -3.00 25.07 7.87
N ALA A 500 -3.76 24.24 7.16
CA ALA A 500 -3.40 23.84 5.84
C ALA A 500 -3.41 25.07 4.91
N LYS A 501 -4.41 25.94 5.14
CA LYS A 501 -4.48 27.17 4.34
C LYS A 501 -3.28 28.07 4.58
N GLN A 502 -2.86 28.20 5.82
CA GLN A 502 -1.79 29.10 6.22
C GLN A 502 -0.44 28.57 5.73
N LYS A 503 -0.17 27.28 5.97
CA LYS A 503 1.13 26.70 5.71
C LYS A 503 1.24 26.20 4.32
N GLY A 504 0.17 25.72 3.76
CA GLY A 504 0.16 25.12 2.46
C GLY A 504 0.22 23.59 2.43
N TYR A 505 0.28 23.03 3.60
CA TYR A 505 0.39 21.59 3.74
C TYR A 505 -0.04 21.19 5.12
N VAL A 506 -0.27 19.88 5.28
CA VAL A 506 -0.43 19.30 6.62
C VAL A 506 0.64 18.22 6.86
N THR A 507 0.77 17.82 8.12
CA THR A 507 1.84 16.88 8.54
C THR A 507 1.26 15.78 9.41
N THR A 508 2.01 14.70 9.47
CA THR A 508 1.66 13.54 10.33
C THR A 508 2.52 13.50 11.58
N LEU A 509 2.25 12.53 12.45
CA LEU A 509 2.97 12.47 13.66
C LEU A 509 4.48 12.39 13.50
N LEU A 510 4.96 11.68 12.49
CA LEU A 510 6.39 11.56 12.29
C LEU A 510 6.90 12.49 11.15
N HIS A 511 6.09 13.49 10.81
CA HIS A 511 6.48 14.63 9.95
C HIS A 511 6.42 14.33 8.46
N ARG A 512 5.67 13.30 8.04
CA ARG A 512 5.27 13.18 6.68
C ARG A 512 4.40 14.41 6.28
N ARG A 513 4.49 14.84 5.04
CA ARG A 513 3.82 16.07 4.54
C ARG A 513 2.98 15.79 3.35
N ARG A 514 1.89 16.54 3.22
CA ARG A 514 1.06 16.51 2.04
C ARG A 514 0.63 18.00 1.72
N TYR A 515 1.05 18.49 0.57
CA TYR A 515 0.69 19.85 0.15
C TYR A 515 -0.76 19.83 -0.32
N LEU A 516 -1.50 20.89 -0.02
CA LEU A 516 -2.90 20.99 -0.41
C LEU A 516 -3.15 22.36 -1.07
N PRO A 517 -2.57 22.55 -2.24
CA PRO A 517 -2.82 23.85 -2.97
C PRO A 517 -4.28 24.09 -3.35
N ASP A 518 -5.14 23.06 -3.43
CA ASP A 518 -6.59 23.28 -3.68
C ASP A 518 -7.42 23.80 -2.50
N ILE A 519 -6.82 23.98 -1.33
CA ILE A 519 -7.53 24.43 -0.19
C ILE A 519 -8.08 25.87 -0.40
N THR A 520 -7.46 26.58 -1.30
CA THR A 520 -7.90 27.97 -1.64
C THR A 520 -8.73 28.05 -2.90
N SER A 521 -9.12 26.91 -3.49
CA SER A 521 -9.86 26.91 -4.76
C SER A 521 -11.21 27.63 -4.62
N ARG A 522 -11.61 28.34 -5.67
CA ARG A 522 -12.96 28.94 -5.65
C ARG A 522 -14.04 27.98 -6.15
N ASN A 523 -13.67 26.72 -6.43
CA ASN A 523 -14.64 25.67 -6.76
C ASN A 523 -15.03 24.88 -5.51
N PHE A 524 -16.31 24.86 -5.19
CA PHE A 524 -16.76 24.35 -3.90
C PHE A 524 -16.35 22.88 -3.65
N ASN A 525 -16.51 22.05 -4.65
CA ASN A 525 -16.23 20.61 -4.44
C ASN A 525 -14.72 20.40 -4.31
N VAL A 526 -13.95 21.11 -5.12
CA VAL A 526 -12.48 21.03 -5.12
C VAL A 526 -11.92 21.47 -3.80
N ARG A 527 -12.35 22.65 -3.35
CA ARG A 527 -11.92 23.13 -2.07
C ARG A 527 -12.37 22.18 -0.94
N SER A 528 -13.61 21.70 -0.98
CA SER A 528 -14.12 20.86 0.12
C SER A 528 -13.30 19.58 0.26
N PHE A 529 -12.92 19.01 -0.87
CA PHE A 529 -12.07 17.80 -0.83
C PHE A 529 -10.72 18.09 -0.19
N ALA A 530 -10.14 19.25 -0.49
CA ALA A 530 -8.84 19.54 0.03
C ALA A 530 -8.99 19.73 1.51
N GLU A 531 -10.13 20.23 1.98
CA GLU A 531 -10.34 20.53 3.39
C GLU A 531 -10.43 19.18 4.12
N ARG A 532 -11.07 18.23 3.45
CA ARG A 532 -11.28 16.85 4.02
C ARG A 532 -9.93 16.17 4.11
N MET A 533 -9.08 16.40 3.11
CA MET A 533 -7.73 15.85 3.11
C MET A 533 -6.84 16.47 4.12
N ALA A 534 -7.04 17.75 4.43
CA ALA A 534 -6.38 18.36 5.52
C ALA A 534 -6.70 17.64 6.85
N MET A 535 -7.98 17.33 7.03
CA MET A 535 -8.45 16.63 8.22
C MET A 535 -7.94 15.18 8.26
N ASN A 536 -8.00 14.53 7.13
CA ASN A 536 -7.79 13.08 7.01
C ASN A 536 -6.33 12.64 6.94
N THR A 537 -5.51 13.41 6.20
CA THR A 537 -4.13 12.94 6.03
C THR A 537 -3.37 12.79 7.32
N PRO A 538 -3.49 13.71 8.31
CA PRO A 538 -2.83 13.44 9.55
C PRO A 538 -3.29 12.15 10.28
N ILE A 539 -4.52 11.72 9.98
CA ILE A 539 -5.08 10.51 10.63
C ILE A 539 -4.50 9.31 9.87
N GLN A 540 -4.79 9.23 8.57
CA GLN A 540 -4.32 8.10 7.77
C GLN A 540 -2.76 7.98 7.73
N GLY A 541 -2.12 9.12 7.59
CA GLY A 541 -0.64 9.20 7.44
C GLY A 541 0.06 8.88 8.74
N SER A 542 -0.52 9.33 9.89
CA SER A 542 0.04 8.96 11.18
C SER A 542 -0.10 7.45 11.46
N ALA A 543 -1.21 6.87 11.05
CA ALA A 543 -1.41 5.43 11.18
C ALA A 543 -0.37 4.64 10.35
N ALA A 544 -0.02 5.18 9.16
CA ALA A 544 1.03 4.59 8.36
C ALA A 544 2.37 4.74 9.01
N ASP A 545 2.65 5.88 9.62
CA ASP A 545 3.89 6.13 10.32
C ASP A 545 4.09 5.08 11.46
N ILE A 546 3.01 4.86 12.23
CA ILE A 546 3.06 3.97 13.39
C ILE A 546 3.34 2.56 12.96
N ILE A 547 2.60 2.05 12.00
CA ILE A 547 2.85 0.66 11.61
C ILE A 547 4.21 0.47 10.97
N LYS A 548 4.69 1.49 10.26
CA LYS A 548 6.10 1.42 9.77
C LYS A 548 7.12 1.36 10.89
N LYS A 549 6.97 2.17 11.92
CA LYS A 549 7.85 2.12 13.03
C LYS A 549 7.74 0.76 13.73
N ALA A 550 6.52 0.24 13.84
CA ALA A 550 6.34 -1.12 14.44
C ALA A 550 7.10 -2.18 13.69
N MET A 551 7.10 -2.09 12.36
CA MET A 551 7.80 -3.09 11.55
C MET A 551 9.30 -3.06 11.85
N ILE A 552 9.84 -1.86 11.89
CA ILE A 552 11.25 -1.68 12.22
C ILE A 552 11.55 -2.25 13.61
N ASP A 553 10.77 -1.85 14.59
CA ASP A 553 10.94 -2.35 15.97
C ASP A 553 10.77 -3.86 16.03
N LEU A 554 9.84 -4.41 15.29
CA LEU A 554 9.62 -5.83 15.36
C LEU A 554 10.79 -6.60 14.76
N ASN A 555 11.28 -6.16 13.58
CA ASN A 555 12.44 -6.83 12.99
C ASN A 555 13.62 -6.89 13.96
N ALA A 556 13.85 -5.81 14.66
CA ALA A 556 14.95 -5.71 15.63
C ALA A 556 14.73 -6.67 16.81
N ARG A 557 13.51 -6.69 17.30
CA ARG A 557 13.15 -7.64 18.38
C ARG A 557 13.23 -9.07 18.01
N LEU A 558 12.76 -9.46 16.82
CA LEU A 558 12.87 -10.84 16.37
C LEU A 558 14.35 -11.29 16.30
N LYS A 559 15.22 -10.38 15.87
CA LYS A 559 16.65 -10.70 15.79
C LYS A 559 17.23 -10.85 17.19
N GLU A 560 16.95 -9.91 18.09
CA GLU A 560 17.42 -9.96 19.47
C GLU A 560 16.98 -11.22 20.17
N GLU A 561 15.77 -11.68 19.86
CA GLU A 561 15.19 -12.87 20.52
C GLU A 561 15.58 -14.16 19.87
N ARG A 562 16.33 -14.08 18.75
CA ARG A 562 16.77 -15.22 17.97
C ARG A 562 15.63 -16.09 17.45
N LEU A 563 14.51 -15.48 17.05
CA LEU A 563 13.35 -16.20 16.58
C LEU A 563 13.53 -16.45 15.11
N GLN A 564 12.97 -17.54 14.58
CA GLN A 564 13.00 -17.80 13.14
C GLN A 564 11.80 -17.15 12.43
N ALA A 565 10.85 -16.65 13.21
CA ALA A 565 9.66 -16.01 12.63
C ALA A 565 10.12 -14.96 11.60
N ARG A 566 9.36 -14.86 10.51
CA ARG A 566 9.59 -13.75 9.60
C ARG A 566 8.33 -13.04 9.12
N LEU A 567 8.54 -11.73 8.93
CA LEU A 567 7.49 -10.88 8.39
C LEU A 567 7.28 -11.21 6.94
N LEU A 568 6.04 -11.42 6.53
CA LEU A 568 5.68 -11.68 5.15
C LEU A 568 4.98 -10.50 4.45
N LEU A 569 4.03 -9.91 5.15
CA LEU A 569 3.14 -8.93 4.54
C LEU A 569 2.74 -7.86 5.56
N GLN A 570 2.41 -6.68 5.02
CA GLN A 570 1.78 -5.60 5.73
C GLN A 570 0.52 -5.26 4.92
N VAL A 571 -0.62 -5.12 5.61
CA VAL A 571 -1.90 -4.73 5.00
C VAL A 571 -2.50 -3.53 5.74
N HIS A 572 -1.76 -2.43 5.70
CA HIS A 572 -2.17 -1.10 6.20
C HIS A 572 -2.21 -0.95 7.70
N ASP A 573 -2.93 -1.84 8.39
CA ASP A 573 -2.99 -1.81 9.83
C ASP A 573 -2.74 -3.20 10.44
N GLU A 574 -2.23 -4.11 9.63
CA GLU A 574 -1.95 -5.47 10.08
C GLU A 574 -0.63 -5.99 9.52
N LEU A 575 -0.04 -6.89 10.28
CA LEU A 575 1.22 -7.51 9.91
C LEU A 575 1.01 -9.02 9.95
N ILE A 576 1.48 -9.70 8.89
CA ILE A 576 1.34 -11.16 8.76
CA ILE A 576 1.35 -11.15 8.81
C ILE A 576 2.74 -11.76 8.75
N LEU A 577 2.93 -12.79 9.56
CA LEU A 577 4.24 -13.45 9.75
C LEU A 577 3.99 -14.96 9.56
N GLU A 578 5.08 -15.68 9.27
CA GLU A 578 5.06 -17.18 9.42
C GLU A 578 6.14 -17.55 10.41
N ALA A 579 5.93 -18.61 11.18
CA ALA A 579 6.92 -18.97 12.15
C ALA A 579 6.73 -20.47 12.50
N PRO A 580 7.78 -21.08 13.04
CA PRO A 580 7.58 -22.44 13.59
C PRO A 580 6.47 -22.52 14.56
N LYS A 581 5.72 -23.61 14.57
CA LYS A 581 4.64 -23.81 15.58
C LYS A 581 5.15 -23.56 16.98
N GLU A 582 6.42 -23.92 17.27
CA GLU A 582 7.02 -23.76 18.57
C GLU A 582 7.27 -22.33 19.01
N GLU A 583 7.09 -21.36 18.07
CA GLU A 583 7.28 -19.96 18.42
C GLU A 583 5.97 -19.18 18.66
N MET A 584 4.83 -19.82 18.40
CA MET A 584 3.52 -19.11 18.47
C MET A 584 3.27 -18.49 19.82
N GLU A 585 3.53 -19.24 20.91
CA GLU A 585 3.27 -18.70 22.23
C GLU A 585 4.07 -17.45 22.51
N ARG A 586 5.36 -17.45 22.14
CA ARG A 586 6.17 -16.28 22.31
CA ARG A 586 6.17 -16.27 22.31
C ARG A 586 5.69 -15.13 21.42
N LEU A 587 5.31 -15.43 20.21
CA LEU A 587 4.84 -14.35 19.29
C LEU A 587 3.55 -13.72 19.73
N CYS A 588 2.65 -14.49 20.35
CA CYS A 588 1.41 -13.95 20.97
C CYS A 588 1.65 -12.85 21.96
N ARG A 589 2.77 -12.94 22.66
CA ARG A 589 3.14 -11.91 23.59
C ARG A 589 3.97 -10.84 22.95
N LEU A 590 4.89 -11.23 22.07
CA LEU A 590 5.86 -10.30 21.56
C LEU A 590 5.30 -9.32 20.53
N VAL A 591 4.55 -9.80 19.59
CA VAL A 591 4.18 -9.02 18.40
C VAL A 591 3.19 -7.91 18.82
N PRO A 592 2.12 -8.24 19.59
CA PRO A 592 1.22 -7.16 20.06
C PRO A 592 1.88 -6.13 20.92
N GLU A 593 2.82 -6.52 21.77
CA GLU A 593 3.47 -5.56 22.58
C GLU A 593 4.31 -4.59 21.74
N VAL A 594 5.07 -5.15 20.80
CA VAL A 594 5.93 -4.30 19.97
C VAL A 594 5.08 -3.30 19.15
N MET A 595 3.98 -3.78 18.61
CA MET A 595 3.09 -2.95 17.86
C MET A 595 2.42 -1.87 18.75
N GLU A 596 1.98 -2.27 19.93
CA GLU A 596 1.27 -1.35 20.85
C GLU A 596 2.18 -0.30 21.39
N GLN A 597 3.47 -0.61 21.51
CA GLN A 597 4.42 0.33 22.09
C GLN A 597 5.23 1.13 21.07
N ALA A 598 4.89 1.03 19.78
CA ALA A 598 5.69 1.68 18.71
C ALA A 598 5.77 3.22 18.92
N VAL A 599 4.64 3.80 19.33
CA VAL A 599 4.55 5.19 19.77
C VAL A 599 3.72 5.26 21.02
N THR A 600 3.83 6.39 21.71
CA THR A 600 3.04 6.62 22.88
C THR A 600 2.09 7.76 22.58
N LEU A 601 0.81 7.47 22.61
CA LEU A 601 -0.26 8.44 22.34
C LEU A 601 -1.01 8.74 23.67
N ARG A 602 -1.89 9.73 23.66
CA ARG A 602 -2.76 10.02 24.82
C ARG A 602 -3.80 8.96 25.10
N VAL A 603 -3.98 8.03 24.16
CA VAL A 603 -4.81 6.85 24.35
C VAL A 603 -3.98 5.58 24.11
N PRO A 604 -4.41 4.43 24.69
CA PRO A 604 -3.66 3.22 24.37
C PRO A 604 -3.81 2.80 22.96
N LEU A 605 -2.83 2.06 22.45
CA LEU A 605 -3.04 1.31 21.23
C LEU A 605 -3.36 -0.14 21.61
N LYS A 606 -4.14 -0.81 20.80
CA LYS A 606 -4.58 -2.17 21.08
C LYS A 606 -4.39 -2.99 19.84
N VAL A 607 -3.77 -4.18 19.99
CA VAL A 607 -3.54 -5.07 18.88
C VAL A 607 -4.15 -6.40 19.14
N ASP A 608 -4.89 -6.91 18.17
CA ASP A 608 -5.45 -8.26 18.23
C ASP A 608 -4.63 -9.22 17.40
N TYR A 609 -4.73 -10.52 17.69
CA TYR A 609 -3.88 -11.47 16.98
C TYR A 609 -4.48 -12.85 16.92
N HIS A 610 -4.10 -13.60 15.87
CA HIS A 610 -4.61 -14.94 15.60
C HIS A 610 -3.57 -15.69 14.83
N TYR A 611 -3.64 -17.01 14.88
CA TYR A 611 -2.72 -17.83 14.12
C TYR A 611 -3.36 -19.13 13.68
N GLY A 612 -2.79 -19.76 12.68
CA GLY A 612 -3.33 -20.99 12.20
C GLY A 612 -2.55 -21.54 11.04
N SER A 613 -3.07 -22.63 10.46
CA SER A 613 -2.34 -23.39 9.46
CA SER A 613 -2.33 -23.41 9.46
C SER A 613 -2.33 -22.76 8.07
N THR A 614 -3.23 -21.81 7.85
CA THR A 614 -3.32 -21.06 6.61
C THR A 614 -3.69 -19.62 6.99
N TRP A 615 -3.56 -18.70 6.02
CA TRP A 615 -3.97 -17.34 6.32
C TRP A 615 -5.45 -17.25 6.69
N TYR A 616 -6.28 -18.06 6.06
CA TYR A 616 -7.73 -18.13 6.33
C TYR A 616 -7.91 -18.42 7.83
N ASP A 617 -7.08 -19.33 8.38
CA ASP A 617 -7.27 -19.79 9.74
C ASP A 617 -6.74 -18.83 10.73
N ALA A 618 -5.94 -17.83 10.29
CA ALA A 618 -5.37 -16.87 11.20
C ALA A 618 -6.39 -15.74 11.41
N LYS A 619 -7.54 -16.15 11.96
CA LYS A 619 -8.74 -15.30 12.13
C LYS A 619 -9.39 -15.57 13.47
O1P FOX C 4 -17.89 13.23 -2.75
P FOX C 4 -16.81 14.02 -3.37
O2P FOX C 4 -16.01 14.97 -2.59
O5' FOX C 4 -15.68 13.20 -4.13
C5' FOX C 4 -15.63 11.86 -4.55
C4' FOX C 4 -14.15 11.50 -4.61
C6' FOX C 4 -13.42 12.14 -5.79
C3' FOX C 4 -13.46 12.05 -3.39
O3' FOX C 4 -12.91 11.01 -2.60
C2' FOX C 4 -12.45 13.10 -3.81
C1' FOX C 4 -12.60 13.35 -5.32
N9 FOX C 4 -11.31 13.44 -6.01
C4 FOX C 4 -10.52 14.53 -6.03
C1 GLC D . 8.07 0.85 -10.96
C2 GLC D . 6.96 0.97 -11.96
C3 GLC D . 5.65 0.60 -11.28
C4 GLC D . 5.72 -0.82 -10.73
C5 GLC D . 6.95 -1.00 -9.84
C6 GLC D . 7.28 -2.44 -9.42
O2 GLC D . 6.91 2.31 -12.44
O3 GLC D . 4.59 0.68 -12.25
O4 GLC D . 4.51 -1.06 -10.02
O5 GLC D . 8.14 -0.52 -10.49
O6 GLC D . 6.95 -3.40 -10.41
C1 FRU D . 9.40 3.44 -10.61
C2 FRU D . 8.80 2.59 -9.51
C3 FRU D . 8.30 3.40 -8.32
C4 FRU D . 8.43 2.34 -7.20
C5 FRU D . 9.67 1.54 -7.61
C6 FRU D . 9.57 0.04 -7.41
O1 FRU D . 10.38 4.24 -9.93
O2 FRU D . 7.73 1.76 -9.93
O3 FRU D . 6.98 4.02 -8.52
O4 FRU D . 8.62 2.91 -5.89
O5 FRU D . 9.83 1.74 -9.03
O6 FRU D . 10.77 -0.49 -7.99
S SO4 E . -20.78 7.54 30.93
O1 SO4 E . -20.14 7.43 29.71
O2 SO4 E . -21.61 6.44 31.05
O3 SO4 E . -21.53 8.72 30.79
O4 SO4 E . -19.91 7.78 31.98
S SO4 F . -11.36 -3.34 14.68
O1 SO4 F . -10.41 -2.36 14.10
O2 SO4 F . -11.54 -4.39 13.74
O3 SO4 F . -12.61 -2.73 14.89
O4 SO4 F . -10.96 -3.93 15.92
S SO4 G . -17.29 -4.74 13.67
O1 SO4 G . -16.36 -4.75 12.61
O2 SO4 G . -18.57 -4.42 13.15
O3 SO4 G . -16.92 -3.75 14.62
O4 SO4 G . -17.40 -5.96 14.33
S SO4 H . -10.69 34.56 -8.84
O1 SO4 H . -9.28 34.13 -9.08
O2 SO4 H . -11.32 34.89 -10.15
O3 SO4 H . -10.72 35.77 -7.99
O4 SO4 H . -11.43 33.44 -8.21
S SO4 I . 14.34 1.67 -14.13
O1 SO4 I . 14.91 1.78 -15.49
O2 SO4 I . 13.33 0.58 -14.03
O3 SO4 I . 13.66 2.95 -13.86
O4 SO4 I . 15.47 1.39 -13.19
MG MG J . -8.26 -3.91 12.25
#